data_5I9N
#
_entry.id   5I9N
#
_cell.length_a   72.630
_cell.length_b   74.670
_cell.length_c   96.750
_cell.angle_alpha   90.00
_cell.angle_beta   90.00
_cell.angle_gamma   90.00
#
_symmetry.space_group_name_H-M   'I 2 2 2'
#
loop_
_entity.id
_entity.type
_entity.pdbx_description
1 polymer 'Enoyl-[acyl-carrier-protein] reductase [NADH]'
2 non-polymer NICOTINAMIDE-ADENINE-DINUCLEOTIDE
3 non-polymer 5-ethyl-4-fluoro-2-(2-nitrophenoxy)phenol
4 water water
#
_entity_poly.entity_id   1
_entity_poly.type   'polypeptide(L)'
_entity_poly.pdbx_seq_one_letter_code
;MGFLDGKRILLTGLLSNRSIAYGIAKACKREGAELAFTYVGDRFKDRITEFAAEFGSELVFPCDVADDAQIDALFASLKT
HWDSLDGLVHSIGFAPREAIAGDFLDGLTRENFRIAHDISAYSFPALAKAALPMLSDDASLLTLSYLGAERAIPNYNTMG
LAKAALEASVRYLAVSLGAKGVRVNAISAGPIKTLAASGIKSFGKILDFVESNSPLKRNVTIEQVGNAGAFLLSDLASGV
TAEVMHVDSGFNAVVGGMAGLEEKLAAALEHHHHHH
;
_entity_poly.pdbx_strand_id   A
#
# COMPACT_ATOMS: atom_id res chain seq x y z
N GLY A 2 18.93 12.42 -2.55
CA GLY A 2 18.01 12.63 -3.64
C GLY A 2 16.87 13.56 -3.26
N PHE A 3 15.69 13.31 -3.83
CA PHE A 3 14.57 14.21 -3.61
C PHE A 3 13.73 13.89 -2.36
N LEU A 4 14.25 13.04 -1.49
CA LEU A 4 13.60 12.79 -0.19
C LEU A 4 14.55 13.00 0.98
N ASP A 5 15.61 13.78 0.80
CA ASP A 5 16.58 14.03 1.87
C ASP A 5 15.85 14.63 3.07
N GLY A 6 16.21 14.16 4.27
CA GLY A 6 15.65 14.70 5.49
C GLY A 6 14.28 14.16 5.86
N LYS A 7 13.56 13.62 4.88
CA LYS A 7 12.24 13.06 5.11
C LYS A 7 12.34 11.84 6.03
N ARG A 8 11.45 11.78 7.01
CA ARG A 8 11.34 10.60 7.85
C ARG A 8 10.07 9.85 7.52
N ILE A 9 10.20 8.60 7.12
CA ILE A 9 9.07 7.85 6.57
C ILE A 9 8.85 6.51 7.25
N LEU A 10 7.61 6.25 7.64
CA LEU A 10 7.22 4.98 8.22
C LEU A 10 6.59 4.07 7.16
N LEU A 11 7.12 2.86 7.04
CA LEU A 11 6.57 1.90 6.10
C LEU A 11 5.91 0.70 6.78
N THR A 12 4.69 0.41 6.39
CA THR A 12 4.02 -0.80 6.82
C THR A 12 4.14 -1.84 5.71
N GLY A 13 3.87 -3.10 6.04
CA GLY A 13 3.72 -4.13 5.04
C GLY A 13 4.96 -4.71 4.41
N LEU A 14 6.12 -4.50 5.02
CA LEU A 14 7.33 -5.14 4.53
C LEU A 14 7.40 -6.54 5.13
N LEU A 15 6.99 -7.55 4.35
CA LEU A 15 6.93 -8.93 4.83
C LEU A 15 8.10 -9.77 4.31
N SER A 16 8.46 -9.57 3.05
CA SER A 16 9.55 -10.29 2.42
C SER A 16 10.24 -9.38 1.44
N ASN A 17 11.30 -9.88 0.80
CA ASN A 17 12.08 -9.10 -0.16
C ASN A 17 11.35 -8.97 -1.50
N ARG A 18 10.12 -9.48 -1.55
CA ARG A 18 9.28 -9.38 -2.73
C ARG A 18 8.05 -8.51 -2.46
N SER A 19 7.95 -7.98 -1.24
CA SER A 19 6.83 -7.11 -0.90
C SER A 19 6.91 -5.79 -1.65
N ILE A 20 5.76 -5.25 -2.02
CA ILE A 20 5.71 -3.92 -2.63
C ILE A 20 6.40 -2.91 -1.70
N ALA A 21 6.09 -2.99 -0.41
CA ALA A 21 6.72 -2.11 0.58
C ALA A 21 8.26 -2.19 0.62
N TYR A 22 8.83 -3.33 0.26
CA TYR A 22 10.28 -3.43 0.14
C TYR A 22 10.81 -2.53 -0.98
N GLY A 23 10.14 -2.56 -2.13
CA GLY A 23 10.52 -1.73 -3.26
C GLY A 23 10.40 -0.25 -2.98
N ILE A 24 9.30 0.14 -2.32
CA ILE A 24 9.08 1.54 -1.94
C ILE A 24 10.16 2.00 -0.97
N ALA A 25 10.46 1.16 0.02
CA ALA A 25 11.53 1.44 0.98
C ALA A 25 12.87 1.67 0.27
N LYS A 26 13.18 0.78 -0.68
CA LYS A 26 14.44 0.83 -1.37
C LYS A 26 14.59 2.13 -2.17
N ALA A 27 13.51 2.54 -2.82
CA ALA A 27 13.50 3.78 -3.58
C ALA A 27 13.65 5.01 -2.67
N CYS A 28 12.96 4.99 -1.52
CA CYS A 28 12.98 6.12 -0.58
C CYS A 28 14.34 6.30 0.06
N LYS A 29 14.90 5.17 0.48
CA LYS A 29 16.26 5.16 1.01
C LYS A 29 17.20 5.76 -0.02
N ARG A 30 17.11 5.28 -1.26
CA ARG A 30 17.96 5.73 -2.35
C ARG A 30 17.90 7.24 -2.51
N GLU A 31 16.71 7.79 -2.27
CA GLU A 31 16.46 9.22 -2.46
C GLU A 31 16.71 10.01 -1.19
N GLY A 32 17.23 9.34 -0.16
CA GLY A 32 17.72 10.01 1.02
C GLY A 32 16.78 10.09 2.21
N ALA A 33 15.69 9.33 2.19
CA ALA A 33 14.79 9.27 3.35
C ALA A 33 15.40 8.48 4.50
N GLU A 34 14.97 8.82 5.71
CA GLU A 34 15.23 8.02 6.89
C GLU A 34 13.98 7.17 7.17
N LEU A 35 14.16 5.86 7.35
CA LEU A 35 13.01 4.95 7.37
C LEU A 35 12.72 4.30 8.71
N ALA A 36 11.48 3.91 8.91
CA ALA A 36 11.07 3.11 10.08
C ALA A 36 10.00 2.15 9.61
N PHE A 37 9.88 1.02 10.30
CA PHE A 37 9.08 -0.10 9.82
C PHE A 37 8.14 -0.66 10.87
N THR A 38 7.04 -1.24 10.40
CA THR A 38 6.17 -2.00 11.28
C THR A 38 6.21 -3.50 10.95
N TYR A 39 5.85 -4.32 11.93
CA TYR A 39 5.74 -5.76 11.71
C TYR A 39 4.54 -6.29 12.46
N VAL A 40 4.04 -7.45 12.04
CA VAL A 40 2.87 -8.09 12.66
C VAL A 40 3.24 -9.35 13.45
N GLY A 41 3.19 -9.25 14.77
CA GLY A 41 3.43 -10.41 15.62
C GLY A 41 4.89 -10.55 16.01
N ASP A 42 5.13 -10.82 17.30
CA ASP A 42 6.49 -10.90 17.84
C ASP A 42 7.38 -11.87 17.09
N ARG A 43 6.77 -12.92 16.53
CA ARG A 43 7.49 -13.91 15.74
C ARG A 43 8.28 -13.29 14.59
N PHE A 44 7.75 -12.23 14.00
CA PHE A 44 8.36 -11.61 12.83
C PHE A 44 9.29 -10.45 13.18
N LYS A 45 9.49 -10.19 14.47
CA LYS A 45 10.36 -9.10 14.87
C LYS A 45 11.78 -9.29 14.36
N ASP A 46 12.27 -10.53 14.36
CA ASP A 46 13.62 -10.79 13.91
C ASP A 46 13.81 -10.46 12.42
N ARG A 47 12.88 -10.92 11.58
CA ARG A 47 13.04 -10.74 10.14
C ARG A 47 12.99 -9.27 9.74
N ILE A 48 12.14 -8.49 10.42
CA ILE A 48 11.96 -7.08 10.08
C ILE A 48 13.11 -6.22 10.60
N THR A 49 13.67 -6.58 11.75
CA THR A 49 14.78 -5.85 12.32
C THR A 49 15.97 -5.91 11.36
N GLU A 50 16.10 -7.06 10.69
CA GLU A 50 17.12 -7.25 9.69
C GLU A 50 16.88 -6.42 8.44
N PHE A 51 15.63 -6.40 7.98
CA PHE A 51 15.28 -5.61 6.80
C PHE A 51 15.60 -4.16 7.07
N ALA A 52 15.19 -3.66 8.23
CA ALA A 52 15.43 -2.27 8.60
C ALA A 52 16.93 -1.96 8.65
N ALA A 53 17.71 -2.94 9.06
CA ALA A 53 19.15 -2.79 9.16
C ALA A 53 19.80 -2.63 7.79
N GLU A 54 19.28 -3.33 6.79
CA GLU A 54 19.80 -3.20 5.44
C GLU A 54 19.29 -1.93 4.76
N PHE A 55 18.49 -1.15 5.49
CA PHE A 55 18.11 0.18 5.04
C PHE A 55 18.66 1.24 5.98
N GLY A 56 19.56 0.84 6.86
CA GLY A 56 20.23 1.77 7.74
C GLY A 56 19.38 2.25 8.90
N SER A 57 18.38 1.46 9.25
CA SER A 57 17.42 1.85 10.28
C SER A 57 17.35 0.83 11.41
N GLU A 58 17.19 1.32 12.63
CA GLU A 58 16.93 0.41 13.74
C GLU A 58 15.56 0.62 14.39
N LEU A 59 14.68 1.36 13.71
CA LEU A 59 13.37 1.69 14.24
C LEU A 59 12.30 0.74 13.74
N VAL A 60 11.90 -0.19 14.60
CA VAL A 60 10.86 -1.12 14.23
C VAL A 60 9.81 -1.18 15.34
N PHE A 61 8.56 -1.36 14.95
CA PHE A 61 7.48 -1.25 15.89
C PHE A 61 6.38 -2.20 15.46
N PRO A 62 5.85 -2.98 16.42
CA PRO A 62 4.75 -3.89 16.09
C PRO A 62 3.48 -3.14 15.77
N CYS A 63 2.76 -3.53 14.71
CA CYS A 63 1.43 -2.99 14.48
C CYS A 63 0.48 -3.92 13.73
N ASP A 64 -0.29 -4.70 14.48
CA ASP A 64 -1.44 -5.41 13.93
C ASP A 64 -2.60 -4.43 13.87
N VAL A 65 -3.02 -4.07 12.65
CA VAL A 65 -4.02 -3.01 12.47
C VAL A 65 -5.43 -3.39 12.91
N ALA A 66 -5.61 -4.64 13.30
CA ALA A 66 -6.86 -5.11 13.90
C ALA A 66 -7.01 -4.56 15.32
N ASP A 67 -5.93 -4.02 15.86
CA ASP A 67 -5.83 -3.71 17.27
C ASP A 67 -5.62 -2.21 17.47
N ASP A 68 -6.65 -1.54 17.97
CA ASP A 68 -6.54 -0.12 18.33
C ASP A 68 -5.37 0.20 19.26
N ALA A 69 -5.14 -0.66 20.24
CA ALA A 69 -4.05 -0.45 21.19
C ALA A 69 -2.69 -0.36 20.48
N GLN A 70 -2.48 -1.20 19.48
CA GLN A 70 -1.19 -1.25 18.78
C GLN A 70 -0.98 -0.05 17.87
N ILE A 71 -2.08 0.42 17.28
CA ILE A 71 -2.07 1.64 16.47
C ILE A 71 -1.69 2.88 17.27
N ASP A 72 -2.27 3.04 18.46
CA ASP A 72 -1.91 4.14 19.33
C ASP A 72 -0.48 4.01 19.87
N ALA A 73 -0.07 2.77 20.18
CA ALA A 73 1.26 2.52 20.75
C ALA A 73 2.36 2.78 19.74
N LEU A 74 2.15 2.30 18.51
CA LEU A 74 3.04 2.58 17.40
C LEU A 74 3.47 4.05 17.33
N PHE A 75 2.53 4.97 17.38
CA PHE A 75 2.87 6.39 17.26
C PHE A 75 3.33 7.06 18.56
N ALA A 76 3.01 6.45 19.70
CA ALA A 76 3.63 6.86 20.97
C ALA A 76 5.11 6.46 20.95
N SER A 77 5.38 5.25 20.46
CA SER A 77 6.74 4.74 20.38
C SER A 77 7.59 5.53 19.38
N LEU A 78 7.05 5.71 18.19
CA LEU A 78 7.75 6.43 17.15
C LEU A 78 8.09 7.85 17.59
N LYS A 79 7.18 8.45 18.35
CA LYS A 79 7.33 9.82 18.79
C LYS A 79 8.51 9.97 19.74
N THR A 80 8.88 8.88 20.40
CA THR A 80 10.05 8.93 21.27
C THR A 80 11.35 9.00 20.46
N HIS A 81 11.29 8.57 19.20
CA HIS A 81 12.49 8.60 18.34
C HIS A 81 12.46 9.72 17.32
N TRP A 82 11.28 10.01 16.77
CA TRP A 82 11.10 11.05 15.77
C TRP A 82 10.15 12.12 16.30
N ASP A 83 10.57 13.37 16.20
CA ASP A 83 9.76 14.47 16.67
C ASP A 83 8.57 14.66 15.75
N SER A 84 8.79 14.38 14.47
CA SER A 84 7.77 14.58 13.46
C SER A 84 7.87 13.52 12.36
N LEU A 85 6.75 13.27 11.67
CA LEU A 85 6.68 12.24 10.64
C LEU A 85 6.35 12.85 9.27
N ASP A 86 7.15 12.52 8.26
CA ASP A 86 6.96 13.13 6.93
C ASP A 86 6.21 12.23 5.96
N GLY A 87 6.24 10.93 6.19
CA GLY A 87 5.66 10.01 5.25
C GLY A 87 5.12 8.78 5.91
N LEU A 88 4.00 8.29 5.39
CA LEU A 88 3.43 7.05 5.86
C LEU A 88 3.07 6.22 4.65
N VAL A 89 3.55 4.99 4.63
CA VAL A 89 3.22 4.05 3.57
C VAL A 89 2.29 2.99 4.14
N HIS A 90 1.09 2.95 3.60
CA HIS A 90 0.12 1.91 3.89
C HIS A 90 0.18 0.90 2.74
N SER A 91 0.66 -0.30 3.04
CA SER A 91 0.90 -1.34 2.04
C SER A 91 0.55 -2.67 2.70
N ILE A 92 -0.69 -2.77 3.15
CA ILE A 92 -1.14 -3.92 3.92
C ILE A 92 -2.55 -4.29 3.50
N GLY A 93 -2.96 -5.50 3.80
CA GLY A 93 -4.36 -5.87 3.61
C GLY A 93 -4.57 -7.33 3.92
N PHE A 94 -5.81 -7.78 3.75
CA PHE A 94 -6.21 -9.14 4.08
C PHE A 94 -7.68 -9.40 3.78
N ALA A 95 -7.94 -10.62 3.33
CA ALA A 95 -9.30 -11.13 3.23
C ALA A 95 -9.20 -12.64 3.37
N PRO A 96 -10.15 -13.23 4.09
CA PRO A 96 -10.17 -14.69 4.26
C PRO A 96 -10.16 -15.39 2.89
N ARG A 97 -9.54 -16.56 2.85
CA ARG A 97 -9.38 -17.34 1.62
C ARG A 97 -10.63 -17.35 0.73
N GLU A 98 -11.75 -17.79 1.30
CA GLU A 98 -12.99 -17.97 0.54
C GLU A 98 -13.54 -16.66 -0.01
N ALA A 99 -13.19 -15.54 0.64
CA ALA A 99 -13.61 -14.22 0.20
C ALA A 99 -12.92 -13.73 -1.10
N ILE A 100 -11.83 -14.41 -1.46
CA ILE A 100 -11.07 -14.09 -2.67
C ILE A 100 -10.84 -15.33 -3.53
N ALA A 101 -11.80 -16.24 -3.50
CA ALA A 101 -11.71 -17.45 -4.29
C ALA A 101 -13.07 -17.80 -4.87
N GLY A 102 -13.08 -18.19 -6.14
CA GLY A 102 -14.31 -18.63 -6.79
C GLY A 102 -15.33 -17.53 -6.92
N ASP A 103 -16.59 -17.91 -6.80
CA ASP A 103 -17.68 -16.95 -6.95
C ASP A 103 -17.73 -15.93 -5.82
N PHE A 104 -18.10 -14.70 -6.17
CA PHE A 104 -18.18 -13.62 -5.21
C PHE A 104 -19.22 -13.88 -4.12
N LEU A 105 -20.35 -14.49 -4.49
CA LEU A 105 -21.41 -14.71 -3.50
C LEU A 105 -21.16 -15.92 -2.59
N ASP A 106 -20.59 -16.99 -3.16
CA ASP A 106 -20.27 -18.20 -2.39
C ASP A 106 -19.41 -17.88 -1.19
N GLY A 107 -18.45 -16.98 -1.39
CA GLY A 107 -17.49 -16.67 -0.36
C GLY A 107 -17.90 -15.50 0.50
N LEU A 108 -19.10 -14.98 0.28
CA LEU A 108 -19.55 -13.80 1.01
C LEU A 108 -20.22 -14.15 2.33
N THR A 109 -19.69 -13.60 3.41
CA THR A 109 -20.30 -13.69 4.73
C THR A 109 -20.10 -12.34 5.42
N ARG A 110 -20.85 -12.09 6.49
CA ARG A 110 -20.76 -10.80 7.15
C ARG A 110 -19.38 -10.63 7.74
N GLU A 111 -18.83 -11.71 8.29
CA GLU A 111 -17.51 -11.66 8.91
C GLU A 111 -16.39 -11.47 7.89
N ASN A 112 -16.51 -12.16 6.75
CA ASN A 112 -15.54 -12.02 5.66
C ASN A 112 -15.52 -10.59 5.13
N PHE A 113 -16.72 -10.02 5.00
CA PHE A 113 -16.87 -8.65 4.55
C PHE A 113 -16.19 -7.74 5.56
N ARG A 114 -16.53 -7.93 6.83
CA ARG A 114 -16.03 -7.10 7.92
C ARG A 114 -14.51 -7.08 8.00
N ILE A 115 -13.92 -8.26 8.10
CA ILE A 115 -12.48 -8.38 8.25
C ILE A 115 -11.76 -7.71 7.07
N ALA A 116 -12.23 -8.00 5.86
CA ALA A 116 -11.58 -7.50 4.66
C ALA A 116 -11.52 -5.98 4.64
N HIS A 117 -12.65 -5.35 4.96
CA HIS A 117 -12.77 -3.90 4.94
C HIS A 117 -12.00 -3.26 6.12
N ASP A 118 -12.05 -3.96 7.26
CA ASP A 118 -11.40 -3.52 8.48
C ASP A 118 -9.89 -3.40 8.28
N ILE A 119 -9.28 -4.46 7.74
CA ILE A 119 -7.83 -4.53 7.59
C ILE A 119 -7.31 -3.80 6.35
N SER A 120 -8.05 -3.89 5.25
CA SER A 120 -7.57 -3.41 3.96
C SER A 120 -7.96 -1.96 3.68
N ALA A 121 -9.09 -1.52 4.25
CA ALA A 121 -9.56 -0.16 4.04
C ALA A 121 -9.54 0.70 5.29
N TYR A 122 -10.18 0.26 6.36
CA TYR A 122 -10.30 1.12 7.55
C TYR A 122 -8.95 1.53 8.13
N SER A 123 -8.00 0.61 8.07
CA SER A 123 -6.70 0.78 8.70
C SER A 123 -5.92 1.97 8.14
N PHE A 124 -6.19 2.38 6.91
CA PHE A 124 -5.46 3.51 6.35
C PHE A 124 -5.84 4.86 7.02
N PRO A 125 -7.13 5.27 6.95
CA PRO A 125 -7.43 6.51 7.67
C PRO A 125 -7.21 6.37 9.17
N ALA A 126 -7.39 5.16 9.71
CA ALA A 126 -7.15 4.94 11.14
C ALA A 126 -5.70 5.22 11.50
N LEU A 127 -4.77 4.75 10.67
CA LEU A 127 -3.35 5.06 10.84
C LEU A 127 -3.12 6.56 10.68
N ALA A 128 -3.81 7.16 9.72
CA ALA A 128 -3.69 8.59 9.47
C ALA A 128 -4.09 9.42 10.69
N LYS A 129 -5.23 9.07 11.28
CA LYS A 129 -5.74 9.74 12.46
C LYS A 129 -4.79 9.59 13.63
N ALA A 130 -4.38 8.36 13.89
CA ALA A 130 -3.45 8.09 14.96
C ALA A 130 -2.10 8.80 14.81
N ALA A 131 -1.67 9.01 13.57
CA ALA A 131 -0.40 9.66 13.27
C ALA A 131 -0.48 11.19 13.23
N LEU A 132 -1.70 11.70 13.14
CA LEU A 132 -1.89 13.14 12.88
C LEU A 132 -1.12 14.12 13.79
N PRO A 133 -1.15 13.93 15.13
CA PRO A 133 -0.40 14.83 16.01
C PRO A 133 1.09 15.00 15.66
N MET A 134 1.75 13.94 15.23
CA MET A 134 3.17 14.04 14.90
C MET A 134 3.44 14.19 13.41
N LEU A 135 2.38 14.30 12.61
CA LEU A 135 2.54 14.56 11.18
C LEU A 135 2.97 16.01 10.98
N SER A 136 4.00 16.20 10.15
CA SER A 136 4.42 17.54 9.75
C SER A 136 3.45 18.08 8.72
N ASP A 137 3.50 19.39 8.48
CA ASP A 137 2.52 20.05 7.65
C ASP A 137 2.60 19.62 6.18
N ASP A 138 3.79 19.27 5.72
CA ASP A 138 3.94 18.85 4.33
C ASP A 138 4.06 17.33 4.23
N ALA A 139 3.53 16.62 5.23
CA ALA A 139 3.55 15.16 5.21
C ALA A 139 2.80 14.57 4.02
N SER A 140 3.14 13.33 3.65
CA SER A 140 2.48 12.64 2.55
C SER A 140 2.13 11.22 2.93
N LEU A 141 0.91 10.80 2.64
CA LEU A 141 0.48 9.45 2.97
C LEU A 141 0.17 8.67 1.71
N LEU A 142 0.71 7.47 1.64
CA LEU A 142 0.54 6.64 0.46
C LEU A 142 -0.14 5.33 0.83
N THR A 143 -1.08 4.90 -0.01
CA THR A 143 -1.63 3.56 0.12
C THR A 143 -1.58 2.81 -1.21
N LEU A 144 -1.75 1.49 -1.19
CA LEU A 144 -1.72 0.72 -2.42
C LEU A 144 -3.08 0.12 -2.73
N SER A 145 -3.55 0.31 -3.95
CA SER A 145 -4.83 -0.23 -4.39
C SER A 145 -4.60 -1.08 -5.62
N TYR A 146 -5.70 -1.56 -6.20
CA TYR A 146 -5.62 -2.43 -7.37
C TYR A 146 -6.84 -2.20 -8.25
N LEU A 147 -6.68 -2.44 -9.55
CA LEU A 147 -7.71 -2.16 -10.56
C LEU A 147 -9.04 -2.85 -10.23
N GLY A 148 -9.00 -3.87 -9.39
CA GLY A 148 -10.21 -4.57 -8.95
C GLY A 148 -11.21 -3.71 -8.22
N ALA A 149 -10.79 -2.51 -7.81
CA ALA A 149 -11.69 -1.53 -7.20
C ALA A 149 -12.59 -0.86 -8.24
N GLU A 150 -12.04 -0.69 -9.45
CA GLU A 150 -12.73 0.02 -10.51
C GLU A 150 -13.58 -0.92 -11.35
N ARG A 151 -13.06 -2.11 -11.62
CA ARG A 151 -13.77 -3.07 -12.46
C ARG A 151 -13.69 -4.44 -11.84
N ALA A 152 -14.71 -5.25 -12.13
CA ALA A 152 -14.77 -6.60 -11.60
C ALA A 152 -13.66 -7.47 -12.19
N ILE A 153 -12.84 -8.04 -11.32
CA ILE A 153 -11.78 -8.95 -11.70
C ILE A 153 -12.08 -10.31 -11.06
N PRO A 154 -11.94 -11.41 -11.82
CA PRO A 154 -12.22 -12.75 -11.29
C PRO A 154 -11.42 -13.05 -10.02
N ASN A 155 -12.08 -13.66 -9.05
CA ASN A 155 -11.48 -14.01 -7.75
C ASN A 155 -11.12 -12.84 -6.85
N TYR A 156 -11.08 -11.62 -7.37
CA TYR A 156 -10.70 -10.51 -6.50
C TYR A 156 -11.80 -10.24 -5.49
N ASN A 157 -13.03 -10.25 -5.98
CA ASN A 157 -14.22 -10.34 -5.13
C ASN A 157 -14.34 -9.30 -3.99
N THR A 158 -14.39 -9.78 -2.75
CA THR A 158 -14.57 -8.90 -1.60
C THR A 158 -13.46 -7.85 -1.48
N MET A 159 -12.25 -8.18 -1.94
CA MET A 159 -11.19 -7.18 -1.91
C MET A 159 -11.50 -5.96 -2.78
N GLY A 160 -12.18 -6.20 -3.89
CA GLY A 160 -12.56 -5.14 -4.81
C GLY A 160 -13.43 -4.13 -4.11
N LEU A 161 -14.37 -4.63 -3.32
CA LEU A 161 -15.22 -3.77 -2.52
C LEU A 161 -14.36 -2.99 -1.53
N ALA A 162 -13.49 -3.71 -0.84
CA ALA A 162 -12.61 -3.11 0.15
C ALA A 162 -11.71 -2.05 -0.48
N LYS A 163 -11.16 -2.35 -1.66
CA LYS A 163 -10.28 -1.37 -2.32
C LYS A 163 -11.01 -0.12 -2.78
N ALA A 164 -12.27 -0.28 -3.18
CA ALA A 164 -13.05 0.89 -3.60
C ALA A 164 -13.27 1.84 -2.42
N ALA A 165 -13.54 1.28 -1.23
CA ALA A 165 -13.63 2.06 -0.01
C ALA A 165 -12.28 2.66 0.35
N LEU A 166 -11.22 1.88 0.17
CA LEU A 166 -9.87 2.39 0.35
C LEU A 166 -9.62 3.61 -0.53
N GLU A 167 -9.93 3.51 -1.82
CA GLU A 167 -9.73 4.64 -2.72
C GLU A 167 -10.61 5.84 -2.34
N ALA A 168 -11.81 5.60 -1.81
CA ALA A 168 -12.64 6.70 -1.35
C ALA A 168 -12.03 7.38 -0.13
N SER A 169 -11.44 6.58 0.76
CA SER A 169 -10.83 7.14 1.96
C SER A 169 -9.68 8.08 1.58
N VAL A 170 -9.03 7.80 0.46
CA VAL A 170 -7.99 8.68 -0.03
C VAL A 170 -8.57 10.08 -0.28
N ARG A 171 -9.75 10.13 -0.89
CA ARG A 171 -10.35 11.43 -1.20
C ARG A 171 -10.82 12.20 0.06
N TYR A 172 -11.45 11.49 0.99
CA TYR A 172 -11.92 12.12 2.21
C TYR A 172 -10.77 12.52 3.10
N LEU A 173 -9.72 11.71 3.10
CA LEU A 173 -8.51 12.04 3.86
C LEU A 173 -7.79 13.23 3.28
N ALA A 174 -7.80 13.34 1.95
CA ALA A 174 -7.13 14.47 1.31
C ALA A 174 -7.82 15.77 1.71
N VAL A 175 -9.14 15.74 1.81
CA VAL A 175 -9.90 16.92 2.21
C VAL A 175 -9.67 17.23 3.69
N SER A 176 -9.78 16.20 4.51
CA SER A 176 -9.66 16.33 5.96
C SER A 176 -8.28 16.81 6.44
N LEU A 177 -7.23 16.40 5.74
CA LEU A 177 -5.88 16.74 6.14
C LEU A 177 -5.24 17.84 5.29
N GLY A 178 -5.94 18.31 4.27
CA GLY A 178 -5.36 19.23 3.31
C GLY A 178 -5.19 20.68 3.77
N ALA A 179 -6.08 21.15 4.65
CA ALA A 179 -5.96 22.51 5.18
C ALA A 179 -4.63 22.67 5.86
N LYS A 180 -4.23 21.62 6.60
CA LYS A 180 -2.96 21.57 7.30
C LYS A 180 -1.80 21.47 6.31
N GLY A 181 -2.06 20.84 5.17
CA GLY A 181 -1.06 20.75 4.12
C GLY A 181 -0.63 19.34 3.75
N VAL A 182 -1.05 18.37 4.54
CA VAL A 182 -0.73 16.96 4.27
C VAL A 182 -1.44 16.47 3.00
N ARG A 183 -0.70 15.76 2.16
CA ARG A 183 -1.26 15.16 0.96
C ARG A 183 -1.58 13.68 1.17
N VAL A 184 -2.57 13.16 0.42
CA VAL A 184 -2.95 11.76 0.53
C VAL A 184 -3.25 11.19 -0.87
N ASN A 185 -2.53 10.12 -1.24
CA ASN A 185 -2.67 9.53 -2.56
C ASN A 185 -2.65 8.00 -2.52
N ALA A 186 -2.92 7.37 -3.65
CA ALA A 186 -2.73 5.94 -3.81
C ALA A 186 -2.07 5.59 -5.13
N ILE A 187 -1.43 4.43 -5.15
CA ILE A 187 -0.96 3.82 -6.37
C ILE A 187 -1.79 2.59 -6.65
N SER A 188 -2.42 2.55 -7.82
CA SER A 188 -3.11 1.35 -8.27
C SER A 188 -2.11 0.47 -9.02
N ALA A 189 -1.41 -0.39 -8.29
CA ALA A 189 -0.35 -1.21 -8.86
C ALA A 189 -0.88 -2.38 -9.70
N GLY A 190 -0.12 -2.74 -10.73
CA GLY A 190 -0.37 -3.95 -11.47
C GLY A 190 0.01 -5.21 -10.69
N PRO A 191 -0.32 -6.39 -11.23
CA PRO A 191 -0.01 -7.67 -10.58
C PRO A 191 1.49 -7.89 -10.36
N ILE A 192 1.89 -8.20 -9.13
CA ILE A 192 3.29 -8.45 -8.80
C ILE A 192 3.36 -9.70 -7.92
N LYS A 193 4.23 -10.65 -8.28
CA LYS A 193 4.30 -11.89 -7.54
C LYS A 193 4.82 -11.64 -6.13
N THR A 194 3.90 -11.61 -5.17
CA THR A 194 4.21 -11.35 -3.77
C THR A 194 3.53 -12.41 -2.94
N LEU A 195 3.79 -12.42 -1.64
CA LEU A 195 3.17 -13.38 -0.74
C LEU A 195 1.64 -13.25 -0.77
N ALA A 196 1.15 -12.02 -0.68
CA ALA A 196 -0.28 -11.79 -0.74
C ALA A 196 -0.87 -12.32 -2.05
N ALA A 197 -0.11 -12.25 -3.13
CA ALA A 197 -0.58 -12.69 -4.44
C ALA A 197 -0.94 -14.17 -4.44
N SER A 198 -0.40 -14.92 -3.49
CA SER A 198 -0.67 -16.35 -3.39
C SER A 198 -2.13 -16.66 -3.04
N GLY A 199 -2.83 -15.66 -2.49
CA GLY A 199 -4.21 -15.81 -2.11
C GLY A 199 -5.15 -15.69 -3.30
N ILE A 200 -4.62 -15.13 -4.38
CA ILE A 200 -5.41 -15.02 -5.60
C ILE A 200 -5.09 -16.18 -6.55
N LYS A 201 -5.89 -17.23 -6.50
CA LYS A 201 -5.79 -18.26 -7.53
C LYS A 201 -6.12 -17.50 -8.81
N SER A 202 -5.49 -17.90 -9.92
CA SER A 202 -5.57 -17.19 -11.21
C SER A 202 -4.70 -15.92 -11.23
N PHE A 203 -3.80 -15.79 -10.28
CA PHE A 203 -2.86 -14.68 -10.32
C PHE A 203 -1.91 -14.84 -11.50
N GLY A 204 -1.43 -16.06 -11.71
CA GLY A 204 -0.53 -16.34 -12.82
C GLY A 204 -1.20 -16.06 -14.14
N LYS A 205 -2.49 -16.36 -14.21
CA LYS A 205 -3.26 -16.09 -15.41
C LYS A 205 -3.40 -14.59 -15.63
N ILE A 206 -3.70 -13.86 -14.57
CA ILE A 206 -3.79 -12.40 -14.64
C ILE A 206 -2.44 -11.83 -15.05
N LEU A 207 -1.38 -12.31 -14.41
CA LEU A 207 -0.04 -11.84 -14.68
C LEU A 207 0.30 -12.02 -16.16
N ASP A 208 -0.04 -13.19 -16.72
CA ASP A 208 0.22 -13.45 -18.12
C ASP A 208 -0.57 -12.50 -19.00
N PHE A 209 -1.84 -12.31 -18.65
CA PHE A 209 -2.73 -11.48 -19.46
C PHE A 209 -2.22 -10.05 -19.51
N VAL A 210 -1.81 -9.52 -18.36
CA VAL A 210 -1.29 -8.16 -18.30
C VAL A 210 -0.04 -8.00 -19.18
N GLU A 211 0.89 -8.94 -19.03
CA GLU A 211 2.12 -8.93 -19.82
C GLU A 211 1.81 -8.89 -21.29
N SER A 212 0.81 -9.69 -21.68
CA SER A 212 0.41 -9.78 -23.07
C SER A 212 -0.37 -8.58 -23.58
N ASN A 213 -1.11 -7.91 -22.71
CA ASN A 213 -2.10 -6.97 -23.19
C ASN A 213 -1.95 -5.50 -22.78
N SER A 214 -1.07 -5.24 -21.82
CA SER A 214 -0.86 -3.87 -21.40
C SER A 214 -0.14 -3.16 -22.53
N PRO A 215 -0.30 -1.82 -22.63
CA PRO A 215 0.38 -1.06 -23.69
C PRO A 215 1.89 -1.30 -23.75
N LEU A 216 2.52 -1.48 -22.58
CA LEU A 216 3.97 -1.65 -22.52
C LEU A 216 4.42 -3.09 -22.76
N LYS A 217 3.46 -3.99 -22.92
CA LYS A 217 3.74 -5.41 -23.12
C LYS A 217 4.71 -5.95 -22.07
N ARG A 218 4.50 -5.55 -20.82
CA ARG A 218 5.37 -5.97 -19.75
C ARG A 218 4.69 -5.70 -18.42
N ASN A 219 5.04 -6.48 -17.41
CA ASN A 219 4.49 -6.31 -16.07
C ASN A 219 5.33 -5.32 -15.31
N VAL A 220 4.80 -4.81 -14.20
CA VAL A 220 5.56 -3.87 -13.39
C VAL A 220 6.39 -4.54 -12.30
N THR A 221 7.26 -3.76 -11.68
CA THR A 221 8.12 -4.27 -10.63
C THR A 221 7.99 -3.41 -9.40
N ILE A 222 8.45 -3.95 -8.28
CA ILE A 222 8.40 -3.23 -7.02
C ILE A 222 9.33 -2.02 -7.07
N GLU A 223 10.32 -2.07 -7.97
CA GLU A 223 11.16 -0.88 -8.23
C GLU A 223 10.37 0.24 -8.89
N GLN A 224 9.53 -0.11 -9.86
CA GLN A 224 8.72 0.88 -10.56
C GLN A 224 7.64 1.45 -9.65
N VAL A 225 6.92 0.58 -8.95
CA VAL A 225 5.94 1.03 -7.98
C VAL A 225 6.66 1.86 -6.90
N GLY A 226 7.86 1.42 -6.50
CA GLY A 226 8.64 2.11 -5.51
C GLY A 226 9.05 3.51 -5.91
N ASN A 227 9.55 3.66 -7.13
CA ASN A 227 9.94 4.96 -7.63
C ASN A 227 8.77 5.95 -7.65
N ALA A 228 7.57 5.45 -7.94
CA ALA A 228 6.40 6.29 -7.96
C ALA A 228 5.94 6.58 -6.54
N GLY A 229 6.19 5.62 -5.65
CA GLY A 229 6.01 5.83 -4.22
C GLY A 229 6.82 7.03 -3.77
N ALA A 230 8.15 6.90 -3.84
CA ALA A 230 9.08 7.98 -3.54
C ALA A 230 8.67 9.34 -4.13
N PHE A 231 8.21 9.33 -5.38
CA PHE A 231 7.72 10.56 -6.01
C PHE A 231 6.56 11.15 -5.22
N LEU A 232 5.47 10.39 -5.09
CA LEU A 232 4.28 10.86 -4.36
C LEU A 232 4.58 11.34 -2.95
N LEU A 233 5.57 10.71 -2.32
CA LEU A 233 5.98 11.03 -0.96
C LEU A 233 6.86 12.27 -0.91
N SER A 234 7.34 12.74 -2.05
CA SER A 234 8.29 13.86 -2.09
CA SER A 234 8.28 13.87 -2.07
C SER A 234 7.60 15.19 -2.38
N ASP A 235 8.36 16.27 -2.29
CA ASP A 235 7.87 17.59 -2.61
C ASP A 235 7.75 17.83 -4.12
N LEU A 236 8.32 16.93 -4.91
CA LEU A 236 8.08 16.94 -6.35
C LEU A 236 6.58 16.76 -6.64
N ALA A 237 5.89 16.09 -5.72
CA ALA A 237 4.46 15.77 -5.90
C ALA A 237 3.55 16.68 -5.07
N SER A 238 4.04 17.86 -4.71
CA SER A 238 3.30 18.75 -3.80
C SER A 238 2.02 19.33 -4.39
N GLY A 239 1.89 19.35 -5.72
CA GLY A 239 0.63 19.72 -6.35
C GLY A 239 -0.37 18.56 -6.45
N VAL A 240 0.01 17.39 -5.95
CA VAL A 240 -0.78 16.17 -6.13
C VAL A 240 -1.39 15.62 -4.83
N THR A 241 -2.70 15.62 -4.75
CA THR A 241 -3.34 14.90 -3.66
C THR A 241 -4.68 14.31 -4.13
N ALA A 242 -5.23 13.41 -3.32
CA ALA A 242 -6.51 12.77 -3.61
C ALA A 242 -6.46 11.97 -4.90
N GLU A 243 -5.26 11.55 -5.30
CA GLU A 243 -5.03 10.96 -6.61
C GLU A 243 -4.80 9.46 -6.51
N VAL A 244 -5.48 8.70 -7.38
CA VAL A 244 -5.20 7.29 -7.54
C VAL A 244 -4.35 7.11 -8.81
N MET A 245 -3.05 6.91 -8.64
CA MET A 245 -2.13 6.85 -9.77
C MET A 245 -1.91 5.42 -10.19
N HIS A 246 -2.17 5.10 -11.46
CA HIS A 246 -1.91 3.75 -11.95
C HIS A 246 -0.41 3.55 -12.22
N VAL A 247 0.14 2.46 -11.66
CA VAL A 247 1.46 1.99 -12.05
C VAL A 247 1.29 0.52 -12.47
N ASP A 248 0.92 0.32 -13.72
CA ASP A 248 0.50 -0.99 -14.21
C ASP A 248 0.77 -1.14 -15.70
N SER A 249 1.79 -0.44 -16.18
CA SER A 249 2.12 -0.42 -17.60
C SER A 249 0.94 0.00 -18.47
N GLY A 250 0.00 0.75 -17.90
CA GLY A 250 -1.13 1.24 -18.67
C GLY A 250 -2.25 0.25 -18.86
N PHE A 251 -2.16 -0.91 -18.22
CA PHE A 251 -3.16 -1.95 -18.38
C PHE A 251 -4.60 -1.48 -18.13
N ASN A 252 -4.79 -0.72 -17.07
CA ASN A 252 -6.09 -0.14 -16.75
C ASN A 252 -6.79 0.53 -17.93
N ALA A 253 -6.00 1.10 -18.85
CA ALA A 253 -6.55 2.01 -19.87
C ALA A 253 -6.96 1.34 -21.19
N VAL A 254 -6.74 0.03 -21.30
CA VAL A 254 -7.09 -0.70 -22.51
C VAL A 254 -8.17 -1.75 -22.27
N VAL A 255 -8.62 -2.35 -23.37
CA VAL A 255 -9.52 -3.49 -23.36
C VAL A 255 -8.78 -4.56 -24.11
N GLY A 256 -8.09 -5.44 -23.40
CA GLY A 256 -7.18 -6.38 -24.05
C GLY A 256 -7.68 -7.81 -24.21
N GLY A 257 -6.87 -8.61 -24.91
CA GLY A 257 -7.17 -10.02 -25.10
C GLY A 257 -8.29 -10.36 -26.07
N MET A 258 -8.66 -9.42 -26.95
CA MET A 258 -9.75 -9.69 -27.90
C MET A 258 -9.24 -10.22 -29.24
N ALA A 259 -8.01 -10.73 -29.25
CA ALA A 259 -7.56 -11.57 -30.34
C ALA A 259 -8.24 -12.93 -30.13
N GLY A 260 -8.68 -13.54 -31.23
CA GLY A 260 -9.41 -14.79 -31.12
C GLY A 260 -8.72 -16.05 -31.58
N LEU A 261 -8.00 -16.68 -30.67
CA LEU A 261 -7.26 -17.92 -30.91
C LEU A 261 -6.35 -17.71 -32.10
N GLU A 262 -5.86 -16.46 -32.21
CA GLU A 262 -4.97 -16.04 -33.28
C GLU A 262 -4.73 -17.23 -34.14
#